data_8TN5
#
_entry.id   8TN5
#
_cell.length_a   90.524
_cell.length_b   90.524
_cell.length_c   207.300
_cell.angle_alpha   90.00
_cell.angle_beta   90.00
_cell.angle_gamma   120.00
#
_symmetry.space_group_name_H-M   'P 65 2 2'
#
loop_
_entity.id
_entity.type
_entity.pdbx_description
1 polymer 'TG10, Heavy chain'
2 polymer 'TG10, Light chain'
3 non-polymer 'SULFATE ION'
4 non-polymer 'CHLORIDE ION'
5 non-polymer 2-amino-2-deoxy-beta-D-glucopyranose
6 water water
#
loop_
_entity_poly.entity_id
_entity_poly.type
_entity_poly.pdbx_seq_one_letter_code
_entity_poly.pdbx_strand_id
1 'polypeptide(L)'
;EVQLVESGGGLVQPGGSLRLSCAVSGFPFSSYWMSWVRQAPGKGLEWVANIKEDGSEKYYVDSVKGRFTISRDNAKNSLY
LQMNSLRAEDTAVYYCATDPDVGLSDSWGQGTLVTVSSASTKGPSVFPLAPSSKSTSGGTAALGCLVKDYFPEPVTVSWN
SGALTSGVHTFPAVLQSSGLYSLSSVVTVPSSSLGTQTYICNVNHKPSNTKVDKKVEPKSC
;
H
2 'polypeptide(L)'
;EIVLTQSPGTLSLSPGDRATHSCRASQSVSRSYLAWYQQKPGQTPRLFIYGASNRATGIPDRFSGSGSGTYFTLTISRLE
PEDFAVYYCQQYDSAPDTFGQGTRLEIKRTVAAPSVFIFPPSDEQLKSGTASVVCLLNNFYPREAKVQWKVDNALQSGNS
QESVTEQDSKDSTYSLSSTLTLSKADYEKHKVYACEVTHQGLSSPVTKSFNRGEC
;
L
#
loop_
_chem_comp.id
_chem_comp.type
_chem_comp.name
_chem_comp.formula
CL non-polymer 'CHLORIDE ION' 'Cl -1'
GCS D-saccharide, beta linking 2-amino-2-deoxy-beta-D-glucopyranose 'C6 H13 N O5'
SO4 non-polymer 'SULFATE ION' 'O4 S -2'
#
# COMPACT_ATOMS: atom_id res chain seq x y z
N GLU A 1 -15.50 -18.24 10.14
CA GLU A 1 -15.10 -17.01 9.42
C GLU A 1 -14.46 -17.42 8.09
N VAL A 2 -14.59 -16.54 7.13
CA VAL A 2 -14.06 -16.83 5.82
C VAL A 2 -12.57 -16.52 5.83
N GLN A 3 -11.78 -17.46 5.25
CA GLN A 3 -10.34 -17.26 5.14
C GLN A 3 -9.89 -17.82 3.81
N LEU A 4 -9.01 -17.07 3.12
CA LEU A 4 -8.34 -17.53 1.91
C LEU A 4 -6.86 -17.16 2.07
N VAL A 5 -6.00 -18.16 2.18
CA VAL A 5 -4.61 -17.93 2.55
C VAL A 5 -3.71 -18.40 1.43
N GLU A 6 -3.05 -17.42 0.77
CA GLU A 6 -2.16 -17.68 -0.34
C GLU A 6 -0.77 -17.98 0.18
N SER A 7 -0.09 -18.83 -0.57
CA SER A 7 1.33 -19.03 -0.35
C SER A 7 2.01 -19.34 -1.67
N GLY A 8 3.36 -19.35 -1.65
CA GLY A 8 4.16 -19.80 -2.79
C GLY A 8 4.71 -18.69 -3.69
N GLY A 9 4.42 -17.43 -3.35
CA GLY A 9 4.94 -16.32 -4.11
C GLY A 9 6.39 -16.02 -3.71
N GLY A 10 6.79 -14.79 -3.94
CA GLY A 10 8.10 -14.31 -3.58
C GLY A 10 8.92 -13.94 -4.82
N LEU A 11 10.23 -13.85 -4.60
CA LEU A 11 11.20 -13.53 -5.63
C LEU A 11 11.43 -14.76 -6.53
N VAL A 12 11.56 -14.50 -7.82
CA VAL A 12 11.82 -15.52 -8.81
C VAL A 12 12.56 -14.93 -9.99
N GLN A 13 13.51 -15.70 -10.51
CA GLN A 13 14.30 -15.31 -11.65
C GLN A 13 13.41 -15.17 -12.89
N PRO A 14 13.71 -14.19 -13.76
CA PRO A 14 13.08 -14.11 -15.07
C PRO A 14 13.29 -15.43 -15.80
N GLY A 15 12.23 -15.93 -16.42
CA GLY A 15 12.26 -17.24 -17.06
C GLY A 15 11.92 -18.40 -16.14
N GLY A 16 11.85 -18.13 -14.83
CA GLY A 16 11.55 -19.16 -13.85
C GLY A 16 10.05 -19.39 -13.68
N SER A 17 9.72 -20.12 -12.60
CA SER A 17 8.35 -20.54 -12.34
C SER A 17 8.06 -20.45 -10.85
N LEU A 18 6.77 -20.33 -10.53
CA LEU A 18 6.29 -20.39 -9.15
C LEU A 18 4.98 -21.18 -9.17
N ARG A 19 4.69 -21.74 -8.02
CA ARG A 19 3.41 -22.42 -7.77
C ARG A 19 2.72 -21.69 -6.63
N LEU A 20 1.59 -21.05 -6.93
CA LEU A 20 0.78 -20.40 -5.92
C LEU A 20 -0.31 -21.35 -5.43
N SER A 21 -0.51 -21.38 -4.12
CA SER A 21 -1.52 -22.16 -3.43
C SER A 21 -2.41 -21.19 -2.66
N CYS A 22 -3.68 -21.56 -2.51
CA CYS A 22 -4.65 -20.79 -1.76
C CYS A 22 -5.57 -21.72 -1.01
N ALA A 23 -5.49 -21.71 0.33
CA ALA A 23 -6.32 -22.58 1.15
C ALA A 23 -7.53 -21.80 1.67
N VAL A 24 -8.72 -22.33 1.42
CA VAL A 24 -9.97 -21.65 1.63
C VAL A 24 -10.77 -22.36 2.72
N SER A 25 -11.40 -21.56 3.55
CA SER A 25 -12.38 -22.09 4.50
C SER A 25 -13.45 -21.05 4.79
N GLY A 26 -14.58 -21.53 5.33
CA GLY A 26 -15.62 -20.69 5.88
C GLY A 26 -16.82 -20.47 4.97
N PHE A 27 -16.79 -21.11 3.78
CA PHE A 27 -17.86 -21.10 2.82
C PHE A 27 -17.70 -22.30 1.88
N PRO A 28 -18.73 -22.67 1.11
CA PRO A 28 -18.66 -23.89 0.28
C PRO A 28 -17.88 -23.71 -1.01
N PHE A 29 -16.56 -23.72 -0.84
CA PHE A 29 -15.58 -23.53 -1.90
C PHE A 29 -15.88 -24.40 -3.11
N SER A 30 -16.24 -25.68 -2.88
CA SER A 30 -16.35 -26.62 -3.96
C SER A 30 -17.57 -26.34 -4.84
N SER A 31 -18.43 -25.38 -4.46
CA SER A 31 -19.60 -25.06 -5.27
C SER A 31 -19.43 -23.78 -6.10
N TYR A 32 -18.27 -23.09 -6.00
CA TYR A 32 -18.06 -21.81 -6.67
C TYR A 32 -16.94 -21.85 -7.70
N TRP A 33 -17.17 -21.10 -8.77
CA TRP A 33 -16.09 -20.62 -9.61
C TRP A 33 -15.11 -19.84 -8.75
N MET A 34 -13.82 -19.96 -9.09
CA MET A 34 -12.75 -19.25 -8.40
C MET A 34 -11.81 -18.63 -9.43
N SER A 35 -11.06 -17.62 -8.99
CA SER A 35 -10.24 -16.87 -9.91
C SER A 35 -8.96 -16.43 -9.22
N TRP A 36 -8.01 -16.04 -10.07
CA TRP A 36 -6.85 -15.28 -9.64
C TRP A 36 -6.90 -13.91 -10.30
N VAL A 37 -6.61 -12.88 -9.51
CA VAL A 37 -6.54 -11.50 -9.94
C VAL A 37 -5.20 -10.96 -9.49
N ARG A 38 -4.56 -10.13 -10.31
CA ARG A 38 -3.26 -9.62 -9.90
C ARG A 38 -3.23 -8.10 -9.98
N GLN A 39 -2.25 -7.48 -9.31
CA GLN A 39 -2.10 -6.03 -9.33
C GLN A 39 -0.61 -5.67 -9.32
N ALA A 40 -0.15 -5.16 -10.45
CA ALA A 40 1.24 -4.73 -10.55
C ALA A 40 1.42 -3.49 -9.69
N PRO A 41 2.62 -3.24 -9.13
CA PRO A 41 2.83 -2.09 -8.26
C PRO A 41 2.36 -0.77 -8.87
N GLY A 42 1.47 -0.11 -8.15
CA GLY A 42 0.92 1.17 -8.55
C GLY A 42 -0.08 1.12 -9.69
N LYS A 43 -0.58 -0.07 -10.04
CA LYS A 43 -1.49 -0.22 -11.16
C LYS A 43 -2.85 -0.75 -10.67
N GLY A 44 -3.75 -1.01 -11.64
CA GLY A 44 -5.10 -1.43 -11.31
C GLY A 44 -5.20 -2.94 -11.20
N LEU A 45 -6.37 -3.44 -10.77
CA LEU A 45 -6.59 -4.87 -10.75
C LEU A 45 -6.71 -5.44 -12.15
N GLU A 46 -6.14 -6.64 -12.36
CA GLU A 46 -6.19 -7.31 -13.64
C GLU A 46 -6.58 -8.77 -13.41
N TRP A 47 -7.71 -9.18 -13.97
CA TRP A 47 -8.13 -10.57 -13.97
C TRP A 47 -7.14 -11.44 -14.75
N VAL A 48 -6.76 -12.59 -14.17
CA VAL A 48 -5.78 -13.50 -14.72
C VAL A 48 -6.41 -14.78 -15.24
N ALA A 49 -7.27 -15.43 -14.45
CA ALA A 49 -7.79 -16.74 -14.82
C ALA A 49 -8.94 -17.12 -13.89
N ASN A 50 -9.82 -18.00 -14.38
CA ASN A 50 -10.84 -18.55 -13.51
C ASN A 50 -11.15 -19.99 -13.89
N ILE A 51 -11.88 -20.67 -12.97
CA ILE A 51 -12.11 -22.10 -13.09
C ILE A 51 -13.44 -22.46 -12.48
N LYS A 52 -14.14 -23.34 -13.19
CA LYS A 52 -15.43 -23.84 -12.77
C LYS A 52 -15.31 -24.64 -11.46
N GLU A 53 -16.46 -24.81 -10.76
CA GLU A 53 -16.43 -25.49 -9.47
C GLU A 53 -15.88 -26.92 -9.56
N ASP A 54 -16.06 -27.61 -10.70
CA ASP A 54 -15.56 -28.97 -10.83
C ASP A 54 -14.27 -29.04 -11.65
N GLY A 55 -13.67 -27.87 -11.98
CA GLY A 55 -12.42 -27.82 -12.69
C GLY A 55 -12.54 -28.03 -14.20
N SER A 56 -13.77 -28.27 -14.71
CA SER A 56 -13.94 -28.75 -16.08
C SER A 56 -13.92 -27.65 -17.14
N GLU A 57 -13.95 -26.39 -16.74
CA GLU A 57 -13.94 -25.25 -17.65
C GLU A 57 -13.05 -24.18 -17.01
N LYS A 58 -12.24 -23.50 -17.82
CA LYS A 58 -11.37 -22.46 -17.29
C LYS A 58 -11.02 -21.49 -18.41
N TYR A 59 -10.64 -20.28 -18.00
CA TYR A 59 -10.31 -19.19 -18.91
C TYR A 59 -9.11 -18.44 -18.40
N TYR A 60 -8.37 -17.82 -19.35
CA TYR A 60 -7.16 -17.09 -19.06
C TYR A 60 -7.09 -15.80 -19.87
N VAL A 61 -6.42 -14.81 -19.29
CA VAL A 61 -6.02 -13.63 -20.02
C VAL A 61 -4.99 -14.04 -21.08
N ASP A 62 -5.06 -13.44 -22.29
CA ASP A 62 -4.24 -13.88 -23.39
C ASP A 62 -2.76 -13.79 -23.07
N SER A 63 -2.35 -12.86 -22.19
CA SER A 63 -0.93 -12.69 -21.90
C SER A 63 -0.31 -13.84 -21.10
N VAL A 64 -1.13 -14.76 -20.57
CA VAL A 64 -0.63 -15.86 -19.79
C VAL A 64 -1.03 -17.21 -20.38
N LYS A 65 -1.83 -17.22 -21.47
CA LYS A 65 -2.33 -18.45 -22.04
CA LYS A 65 -2.34 -18.44 -22.06
CA LYS A 65 -2.33 -18.45 -22.04
C LYS A 65 -1.15 -19.32 -22.48
N GLY A 66 -1.20 -20.59 -22.06
CA GLY A 66 -0.17 -21.55 -22.40
C GLY A 66 0.97 -21.61 -21.38
N ARG A 67 1.07 -20.65 -20.45
CA ARG A 67 2.18 -20.69 -19.49
C ARG A 67 1.71 -20.62 -18.06
N PHE A 68 0.47 -20.15 -17.83
CA PHE A 68 -0.13 -20.27 -16.51
C PHE A 68 -1.22 -21.34 -16.59
N THR A 69 -1.39 -22.14 -15.52
CA THR A 69 -2.48 -23.08 -15.41
C THR A 69 -3.16 -22.91 -14.04
N ILE A 70 -4.47 -22.71 -14.10
CA ILE A 70 -5.29 -22.67 -12.92
C ILE A 70 -5.84 -24.08 -12.67
N SER A 71 -5.84 -24.51 -11.39
CA SER A 71 -6.41 -25.78 -11.02
C SER A 71 -6.93 -25.70 -9.60
N ARG A 72 -7.66 -26.74 -9.16
CA ARG A 72 -8.16 -26.76 -7.80
C ARG A 72 -8.13 -28.16 -7.23
N ASP A 73 -8.13 -28.22 -5.89
CA ASP A 73 -8.28 -29.49 -5.18
C ASP A 73 -9.42 -29.34 -4.19
N ASN A 74 -10.61 -29.72 -4.60
CA ASN A 74 -11.79 -29.53 -3.78
C ASN A 74 -11.70 -30.32 -2.47
N ALA A 75 -11.09 -31.50 -2.50
CA ALA A 75 -10.87 -32.27 -1.27
C ALA A 75 -10.10 -31.49 -0.23
N LYS A 76 -9.15 -30.65 -0.68
CA LYS A 76 -8.31 -29.86 0.21
CA LYS A 76 -8.29 -29.84 0.18
C LYS A 76 -8.77 -28.40 0.27
N ASN A 77 -9.94 -28.13 -0.32
CA ASN A 77 -10.48 -26.78 -0.37
C ASN A 77 -9.42 -25.77 -0.79
N SER A 78 -8.67 -26.08 -1.85
CA SER A 78 -7.56 -25.23 -2.29
C SER A 78 -7.62 -24.95 -3.79
N LEU A 79 -7.07 -23.77 -4.13
CA LEU A 79 -6.95 -23.28 -5.49
C LEU A 79 -5.45 -23.07 -5.78
N TYR A 80 -5.05 -23.28 -7.04
CA TYR A 80 -3.64 -23.18 -7.42
C TYR A 80 -3.49 -22.32 -8.67
N LEU A 81 -2.30 -21.72 -8.81
CA LEU A 81 -1.86 -21.12 -10.06
C LEU A 81 -0.40 -21.53 -10.33
N GLN A 82 -0.22 -22.31 -11.39
CA GLN A 82 1.10 -22.73 -11.80
C GLN A 82 1.59 -21.72 -12.86
N MET A 83 2.71 -21.03 -12.60
CA MET A 83 3.13 -19.89 -13.41
C MET A 83 4.52 -20.19 -13.96
N ASN A 84 4.65 -20.18 -15.28
CA ASN A 84 5.91 -20.50 -15.93
C ASN A 84 6.36 -19.37 -16.86
N SER A 85 7.65 -19.45 -17.27
CA SER A 85 8.24 -18.48 -18.19
C SER A 85 7.98 -17.04 -17.74
N LEU A 86 8.33 -16.76 -16.49
CA LEU A 86 7.96 -15.49 -15.89
C LEU A 86 8.81 -14.34 -16.43
N ARG A 87 8.16 -13.17 -16.50
CA ARG A 87 8.73 -11.94 -17.02
C ARG A 87 8.40 -10.79 -16.08
N ALA A 88 9.08 -9.64 -16.27
CA ALA A 88 8.82 -8.48 -15.43
C ALA A 88 7.36 -8.06 -15.42
N GLU A 89 6.65 -8.21 -16.56
CA GLU A 89 5.24 -7.89 -16.62
C GLU A 89 4.40 -8.73 -15.66
N ASP A 90 4.96 -9.83 -15.14
CA ASP A 90 4.22 -10.68 -14.23
C ASP A 90 4.39 -10.28 -12.75
N THR A 91 5.28 -9.34 -12.46
CA THR A 91 5.51 -8.85 -11.13
C THR A 91 4.23 -8.15 -10.64
N ALA A 92 3.70 -8.59 -9.49
CA ALA A 92 2.39 -8.18 -9.00
C ALA A 92 2.05 -8.91 -7.72
N VAL A 93 1.05 -8.36 -7.00
CA VAL A 93 0.42 -9.10 -5.93
C VAL A 93 -0.65 -9.96 -6.58
N TYR A 94 -0.64 -11.23 -6.22
CA TYR A 94 -1.60 -12.18 -6.74
C TYR A 94 -2.60 -12.52 -5.65
N TYR A 95 -3.87 -12.35 -5.98
CA TYR A 95 -4.97 -12.65 -5.08
C TYR A 95 -5.79 -13.83 -5.56
N CYS A 96 -6.07 -14.80 -4.69
N CYS A 96 -6.15 -14.69 -4.57
CA CYS A 96 -7.14 -15.68 -5.05
CA CYS A 96 -7.13 -15.75 -4.67
C CYS A 96 -8.43 -14.97 -4.66
C CYS A 96 -8.54 -15.15 -4.45
N ALA A 97 -9.42 -15.18 -5.50
CA ALA A 97 -10.62 -14.36 -5.51
C ALA A 97 -11.80 -15.24 -5.89
N THR A 98 -12.80 -15.29 -5.00
CA THR A 98 -14.00 -16.04 -5.25
C THR A 98 -14.87 -15.34 -6.29
N ASP A 99 -15.59 -16.14 -7.07
CA ASP A 99 -16.60 -15.58 -7.94
CA ASP A 99 -16.71 -15.69 -7.89
C ASP A 99 -17.51 -14.66 -7.10
N PRO A 100 -17.80 -13.43 -7.60
CA PRO A 100 -18.56 -12.48 -6.79
C PRO A 100 -19.99 -12.86 -6.45
N ASP A 101 -20.52 -13.87 -7.15
CA ASP A 101 -21.84 -14.36 -6.81
C ASP A 101 -21.88 -14.93 -5.39
N VAL A 102 -20.74 -15.23 -4.80
CA VAL A 102 -20.71 -15.73 -3.44
C VAL A 102 -21.31 -14.68 -2.50
N GLY A 103 -21.16 -13.39 -2.83
CA GLY A 103 -21.82 -12.34 -2.04
C GLY A 103 -21.22 -12.07 -0.66
N LEU A 104 -19.93 -12.44 -0.46
CA LEU A 104 -19.23 -12.25 0.80
C LEU A 104 -18.17 -11.17 0.57
N SER A 105 -18.10 -10.16 1.43
CA SER A 105 -17.17 -9.07 1.21
C SER A 105 -15.73 -9.53 1.35
N ASP A 106 -15.50 -10.49 2.27
CA ASP A 106 -14.16 -10.92 2.61
C ASP A 106 -13.78 -12.20 1.83
N SER A 107 -14.05 -12.23 0.51
CA SER A 107 -13.96 -13.43 -0.30
C SER A 107 -12.67 -13.51 -1.14
N TRP A 108 -11.70 -12.63 -0.85
CA TRP A 108 -10.38 -12.69 -1.48
C TRP A 108 -9.33 -12.94 -0.41
N GLY A 109 -8.21 -13.56 -0.80
CA GLY A 109 -7.10 -13.70 0.12
C GLY A 109 -6.28 -12.42 0.34
N GLN A 110 -5.31 -12.56 1.24
CA GLN A 110 -4.42 -11.48 1.66
C GLN A 110 -3.52 -11.05 0.50
N GLY A 111 -3.32 -11.93 -0.47
CA GLY A 111 -2.41 -11.63 -1.57
C GLY A 111 -0.99 -12.15 -1.30
N THR A 112 -0.30 -12.53 -2.36
CA THR A 112 1.13 -12.86 -2.26
C THR A 112 1.87 -12.09 -3.37
N LEU A 113 2.96 -11.42 -2.96
CA LEU A 113 3.71 -10.65 -3.95
C LEU A 113 4.66 -11.56 -4.69
N VAL A 114 4.61 -11.43 -6.02
CA VAL A 114 5.53 -12.08 -6.92
C VAL A 114 6.42 -11.01 -7.52
N THR A 115 7.75 -11.12 -7.31
CA THR A 115 8.73 -10.21 -7.85
C THR A 115 9.64 -10.97 -8.81
N VAL A 116 9.57 -10.61 -10.11
CA VAL A 116 10.35 -11.27 -11.14
C VAL A 116 11.61 -10.44 -11.37
N SER A 117 12.73 -10.90 -10.79
CA SER A 117 14.02 -10.19 -10.79
C SER A 117 15.19 -11.17 -10.67
N SER A 118 16.34 -10.84 -11.28
CA SER A 118 17.56 -11.61 -11.13
C SER A 118 18.35 -11.28 -9.84
N ALA A 119 17.90 -10.28 -9.08
CA ALA A 119 18.62 -9.85 -7.89
C ALA A 119 18.46 -10.85 -6.75
N SER A 120 19.36 -10.79 -5.76
CA SER A 120 19.27 -11.63 -4.55
C SER A 120 18.34 -11.00 -3.53
N THR A 121 17.78 -11.82 -2.62
CA THR A 121 17.18 -11.28 -1.41
C THR A 121 18.28 -10.59 -0.60
N LYS A 122 17.92 -9.50 0.08
CA LYS A 122 18.84 -8.72 0.88
C LYS A 122 18.08 -8.12 2.05
N GLY A 123 18.56 -8.41 3.26
CA GLY A 123 17.87 -7.90 4.44
C GLY A 123 18.20 -6.42 4.71
N PRO A 124 17.29 -5.70 5.40
CA PRO A 124 17.47 -4.29 5.68
C PRO A 124 18.49 -4.00 6.77
N SER A 125 19.12 -2.83 6.65
CA SER A 125 19.83 -2.18 7.76
C SER A 125 18.82 -1.32 8.50
N VAL A 126 18.78 -1.36 9.84
CA VAL A 126 17.77 -0.61 10.59
C VAL A 126 18.49 0.44 11.46
N PHE A 127 18.18 1.70 11.20
CA PHE A 127 18.85 2.80 11.87
C PHE A 127 17.82 3.59 12.67
N PRO A 128 18.19 4.09 13.87
CA PRO A 128 17.29 4.91 14.67
C PRO A 128 17.09 6.31 14.06
N LEU A 129 15.85 6.81 14.17
CA LEU A 129 15.56 8.20 13.94
C LEU A 129 15.30 8.80 15.31
N ALA A 130 16.34 9.41 15.89
CA ALA A 130 16.37 9.58 17.32
C ALA A 130 15.56 10.83 17.64
N PRO A 131 14.81 10.76 18.76
CA PRO A 131 14.08 11.92 19.26
C PRO A 131 15.10 12.95 19.76
N SER A 132 14.84 14.22 19.42
CA SER A 132 15.71 15.33 19.74
C SER A 132 14.84 16.57 19.95
N SER A 133 15.46 17.75 20.19
CA SER A 133 14.69 18.98 20.34
C SER A 133 14.08 19.36 18.98
N LYS A 134 14.55 18.69 17.92
CA LYS A 134 14.17 19.00 16.55
C LYS A 134 12.96 18.16 16.10
N SER A 135 12.48 17.28 16.99
CA SER A 135 11.33 16.42 16.73
C SER A 135 10.36 16.41 17.92
N THR A 136 10.41 17.44 18.78
CA THR A 136 9.62 17.42 20.01
C THR A 136 8.99 18.79 20.29
N SER A 137 7.68 18.96 20.07
CA SER A 137 7.05 20.10 20.73
C SER A 137 5.66 19.78 21.29
N GLY A 138 5.26 20.63 22.23
CA GLY A 138 4.24 20.21 23.15
C GLY A 138 4.81 19.04 23.94
N GLY A 139 3.93 18.15 24.39
CA GLY A 139 4.36 17.03 25.22
C GLY A 139 4.70 15.81 24.39
N THR A 140 4.94 16.00 23.08
CA THR A 140 5.10 14.89 22.15
C THR A 140 6.38 14.99 21.30
N ALA A 141 7.10 13.87 21.28
CA ALA A 141 8.30 13.76 20.51
C ALA A 141 8.03 12.76 19.39
N ALA A 142 8.70 12.93 18.25
CA ALA A 142 8.68 11.94 17.19
C ALA A 142 9.98 11.15 17.21
N LEU A 143 9.88 9.84 17.00
CA LEU A 143 11.05 9.00 16.83
C LEU A 143 10.68 7.95 15.80
N GLY A 144 11.68 7.23 15.32
CA GLY A 144 11.39 6.29 14.27
C GLY A 144 12.55 5.36 13.98
N CYS A 145 12.33 4.55 12.94
CA CYS A 145 13.35 3.69 12.42
C CYS A 145 13.40 3.88 10.92
N LEU A 146 14.62 3.94 10.42
CA LEU A 146 14.84 3.95 8.98
C LEU A 146 15.24 2.52 8.59
N VAL A 147 14.42 1.94 7.71
CA VAL A 147 14.61 0.57 7.29
C VAL A 147 15.12 0.59 5.87
N LYS A 148 16.43 0.38 5.71
CA LYS A 148 17.09 0.78 4.49
C LYS A 148 17.77 -0.40 3.79
N ASP A 149 17.71 -0.34 2.46
CA ASP A 149 18.47 -1.17 1.54
C ASP A 149 18.06 -2.64 1.65
N TYR A 150 16.79 -2.94 1.37
CA TYR A 150 16.35 -4.33 1.37
C TYR A 150 15.72 -4.69 0.02
N PHE A 151 15.58 -5.98 -0.21
CA PHE A 151 14.97 -6.46 -1.45
C PHE A 151 14.63 -7.94 -1.29
N PRO A 152 13.49 -8.43 -1.84
CA PRO A 152 12.40 -7.59 -2.33
C PRO A 152 11.49 -7.03 -1.23
N GLU A 153 10.38 -6.40 -1.63
CA GLU A 153 9.28 -6.18 -0.70
C GLU A 153 8.74 -7.54 -0.25
N PRO A 154 7.97 -7.62 0.86
CA PRO A 154 7.72 -6.53 1.80
C PRO A 154 8.52 -6.63 3.09
N VAL A 155 8.44 -5.59 3.93
CA VAL A 155 8.85 -5.67 5.32
C VAL A 155 7.64 -5.34 6.20
N THR A 156 7.63 -5.84 7.41
CA THR A 156 6.68 -5.39 8.40
C THR A 156 7.46 -4.69 9.51
N VAL A 157 6.85 -3.65 10.07
CA VAL A 157 7.41 -2.91 11.19
C VAL A 157 6.31 -2.82 12.24
N SER A 158 6.65 -3.20 13.45
CA SER A 158 5.83 -2.87 14.59
C SER A 158 6.67 -2.09 15.59
N TRP A 159 5.98 -1.59 16.61
CA TRP A 159 6.60 -0.87 17.70
C TRP A 159 6.19 -1.54 19.00
N ASN A 160 7.19 -1.88 19.83
CA ASN A 160 7.02 -2.45 21.16
C ASN A 160 6.17 -3.73 21.05
N SER A 161 6.47 -4.52 20.01
CA SER A 161 5.83 -5.80 19.72
C SER A 161 4.32 -5.66 19.52
N GLY A 162 3.86 -4.48 19.08
CA GLY A 162 2.45 -4.29 18.75
C GLY A 162 1.70 -3.52 19.82
N ALA A 163 2.32 -3.30 21.00
CA ALA A 163 1.66 -2.56 22.07
C ALA A 163 1.49 -1.10 21.68
N LEU A 164 2.38 -0.59 20.81
CA LEU A 164 2.34 0.81 20.45
C LEU A 164 1.71 0.92 19.07
N THR A 165 0.59 1.63 19.00
CA THR A 165 -0.28 1.56 17.84
C THR A 165 -0.62 2.95 17.31
N SER A 166 -1.06 3.84 18.21
CA SER A 166 -1.54 5.15 17.81
C SER A 166 -0.33 6.07 17.56
N GLY A 167 -0.52 7.00 16.61
CA GLY A 167 0.52 7.90 16.18
C GLY A 167 1.60 7.25 15.31
N VAL A 168 1.47 5.95 14.96
CA VAL A 168 2.43 5.30 14.08
C VAL A 168 2.13 5.60 12.61
N HIS A 169 3.17 5.90 11.85
CA HIS A 169 3.05 6.04 10.42
C HIS A 169 4.22 5.28 9.84
N THR A 170 3.94 4.14 9.22
CA THR A 170 4.92 3.41 8.44
C THR A 170 4.70 3.79 6.99
N PHE A 171 5.68 4.47 6.41
CA PHE A 171 5.52 4.99 5.06
C PHE A 171 5.65 3.90 4.02
N PRO A 172 4.98 4.02 2.86
CA PRO A 172 5.23 3.16 1.72
C PRO A 172 6.72 3.15 1.37
N ALA A 173 7.24 1.98 1.02
CA ALA A 173 8.63 1.88 0.62
C ALA A 173 8.81 2.64 -0.67
N VAL A 174 10.03 3.12 -0.89
CA VAL A 174 10.44 3.71 -2.15
CA VAL A 174 10.40 3.69 -2.17
C VAL A 174 11.61 2.90 -2.69
N LEU A 175 11.63 2.69 -4.00
CA LEU A 175 12.72 2.02 -4.67
C LEU A 175 13.81 3.07 -4.96
N GLN A 176 15.01 2.83 -4.44
CA GLN A 176 16.16 3.70 -4.66
C GLN A 176 16.73 3.42 -6.05
N SER A 177 17.68 4.26 -6.49
CA SER A 177 18.40 4.08 -7.74
C SER A 177 19.10 2.73 -7.76
N SER A 178 19.57 2.32 -6.57
CA SER A 178 20.32 1.10 -6.37
C SER A 178 19.53 -0.16 -6.72
N GLY A 179 18.20 -0.05 -6.79
CA GLY A 179 17.32 -1.19 -6.96
C GLY A 179 16.90 -1.83 -5.62
N LEU A 180 17.30 -1.21 -4.51
CA LEU A 180 16.90 -1.63 -3.17
C LEU A 180 15.82 -0.69 -2.66
N TYR A 181 14.98 -1.20 -1.77
CA TYR A 181 13.94 -0.42 -1.12
C TYR A 181 14.42 0.24 0.16
N SER A 182 13.75 1.31 0.53
CA SER A 182 13.95 1.93 1.81
C SER A 182 12.63 2.52 2.32
N LEU A 183 12.46 2.52 3.62
CA LEU A 183 11.21 2.98 4.23
C LEU A 183 11.51 3.52 5.62
N SER A 184 10.70 4.48 6.09
CA SER A 184 10.75 4.89 7.47
C SER A 184 9.43 4.56 8.14
N SER A 185 9.50 4.28 9.44
CA SER A 185 8.35 4.14 10.32
C SER A 185 8.56 5.11 11.48
N VAL A 186 7.60 5.99 11.73
CA VAL A 186 7.76 6.96 12.79
C VAL A 186 6.59 6.83 13.75
N VAL A 187 6.77 7.36 14.94
CA VAL A 187 5.69 7.44 15.89
C VAL A 187 5.83 8.72 16.71
N THR A 188 4.70 9.33 17.11
CA THR A 188 4.74 10.44 18.04
C THR A 188 4.24 9.94 19.40
N VAL A 189 4.94 10.33 20.48
CA VAL A 189 4.70 9.81 21.81
C VAL A 189 4.84 10.96 22.79
N PRO A 190 4.46 10.81 24.08
CA PRO A 190 4.71 11.87 25.06
C PRO A 190 6.19 12.07 25.39
N SER A 191 6.61 13.36 25.43
CA SER A 191 7.96 13.80 25.76
C SER A 191 8.41 13.31 27.13
N SER A 192 7.51 13.34 28.09
CA SER A 192 7.75 12.84 29.43
C SER A 192 8.14 11.36 29.44
N SER A 193 7.63 10.57 28.49
CA SER A 193 7.90 9.14 28.50
C SER A 193 9.36 8.84 28.19
N LEU A 194 10.08 9.78 27.58
CA LEU A 194 11.32 9.47 26.89
C LEU A 194 12.40 8.98 27.87
N GLY A 195 12.41 9.50 29.09
CA GLY A 195 13.31 9.01 30.12
C GLY A 195 12.98 7.60 30.60
N THR A 196 11.68 7.29 30.69
CA THR A 196 11.18 6.10 31.38
C THR A 196 10.90 4.95 30.41
N GLN A 197 10.27 5.26 29.27
CA GLN A 197 9.72 4.26 28.37
C GLN A 197 10.72 3.92 27.28
N THR A 198 10.91 2.63 27.01
CA THR A 198 11.72 2.19 25.89
C THR A 198 10.86 2.12 24.63
N TYR A 199 11.45 2.57 23.51
CA TYR A 199 10.80 2.48 22.22
C TYR A 199 11.68 1.62 21.33
N ILE A 200 11.10 0.54 20.81
CA ILE A 200 11.82 -0.45 20.03
C ILE A 200 10.99 -0.71 18.78
N CYS A 201 11.63 -0.62 17.60
CA CYS A 201 10.94 -0.97 16.38
C CYS A 201 11.30 -2.41 16.05
N ASN A 202 10.27 -3.18 15.69
CA ASN A 202 10.41 -4.58 15.38
C ASN A 202 10.26 -4.76 13.87
N VAL A 203 11.37 -5.10 13.20
CA VAL A 203 11.39 -5.18 11.75
C VAL A 203 11.49 -6.65 11.33
N ASN A 204 10.68 -7.05 10.36
CA ASN A 204 10.71 -8.41 9.84
C ASN A 204 10.76 -8.37 8.33
N HIS A 205 11.85 -8.88 7.76
CA HIS A 205 11.96 -9.06 6.31
C HIS A 205 11.99 -10.56 6.02
N LYS A 206 10.81 -11.14 5.85
CA LYS A 206 10.70 -12.58 5.65
C LYS A 206 11.50 -13.07 4.44
N PRO A 207 11.51 -12.39 3.28
CA PRO A 207 12.26 -12.90 2.12
C PRO A 207 13.70 -13.29 2.39
N SER A 208 14.39 -12.51 3.24
CA SER A 208 15.79 -12.77 3.61
C SER A 208 15.93 -13.45 4.97
N ASN A 209 14.80 -13.79 5.61
CA ASN A 209 14.76 -14.23 6.99
C ASN A 209 15.58 -13.31 7.88
N THR A 210 15.27 -12.02 7.83
CA THR A 210 15.94 -11.05 8.65
C THR A 210 14.91 -10.50 9.65
N LYS A 211 15.25 -10.58 10.93
CA LYS A 211 14.52 -9.89 11.97
C LYS A 211 15.51 -9.00 12.72
N VAL A 212 15.14 -7.73 12.88
CA VAL A 212 15.95 -6.78 13.61
C VAL A 212 15.04 -6.10 14.63
N ASP A 213 15.53 -6.00 15.86
CA ASP A 213 14.92 -5.13 16.84
C ASP A 213 15.93 -4.03 17.13
N LYS A 214 15.49 -2.78 16.96
CA LYS A 214 16.37 -1.63 17.18
C LYS A 214 15.73 -0.74 18.23
N LYS A 215 16.46 -0.54 19.33
CA LYS A 215 16.04 0.38 20.39
C LYS A 215 16.40 1.80 19.96
N VAL A 216 15.46 2.74 20.07
CA VAL A 216 15.65 4.10 19.61
C VAL A 216 15.89 4.99 20.82
N GLU A 217 17.11 5.52 20.94
CA GLU A 217 17.57 6.24 22.13
C GLU A 217 17.40 7.73 21.94
N PRO A 218 16.95 8.47 22.98
CA PRO A 218 16.71 9.90 22.86
C PRO A 218 18.00 10.71 22.84
N LYS A 219 17.86 11.94 22.36
CA LYS A 219 18.87 12.99 22.52
C LYS A 219 18.36 13.95 23.59
N SER A 220 19.24 14.32 24.53
CA SER A 220 18.95 15.31 25.55
C SER A 220 20.13 16.28 25.64
N CYS A 221 19.86 17.53 26.05
CA CYS A 221 20.89 18.48 26.43
C CYS A 221 20.88 18.70 27.95
N GLU B 1 -13.51 -8.96 -25.79
CA GLU B 1 -13.64 -8.65 -24.35
C GLU B 1 -14.58 -7.45 -24.17
N ILE B 2 -15.37 -7.48 -23.09
CA ILE B 2 -16.10 -6.30 -22.65
C ILE B 2 -15.10 -5.36 -21.98
N VAL B 3 -15.09 -4.09 -22.39
CA VAL B 3 -14.24 -3.09 -21.79
C VAL B 3 -15.06 -2.21 -20.85
N LEU B 4 -14.61 -2.10 -19.60
CA LEU B 4 -15.28 -1.25 -18.62
C LEU B 4 -14.48 0.04 -18.46
N THR B 5 -15.18 1.16 -18.60
CA THR B 5 -14.58 2.48 -18.40
C THR B 5 -15.23 3.14 -17.19
N GLN B 6 -14.41 3.50 -16.18
CA GLN B 6 -14.91 4.17 -14.99
C GLN B 6 -14.69 5.67 -15.08
N SER B 7 -15.63 6.41 -14.50
CA SER B 7 -15.55 7.86 -14.39
C SER B 7 -16.20 8.28 -13.07
N PRO B 8 -15.70 9.33 -12.40
CA PRO B 8 -14.49 10.07 -12.76
C PRO B 8 -13.24 9.26 -12.39
N GLY B 9 -12.06 9.69 -12.81
CA GLY B 9 -10.85 9.02 -12.38
C GLY B 9 -10.55 9.23 -10.89
N THR B 10 -10.76 10.48 -10.45
CA THR B 10 -10.54 10.90 -9.08
C THR B 10 -11.74 11.73 -8.61
N LEU B 11 -12.04 11.60 -7.32
CA LEU B 11 -13.21 12.22 -6.70
C LEU B 11 -12.82 12.61 -5.29
N SER B 12 -13.12 13.86 -4.92
CA SER B 12 -12.80 14.35 -3.59
C SER B 12 -14.07 14.99 -3.01
N LEU B 13 -14.61 14.41 -1.95
CA LEU B 13 -15.87 14.84 -1.36
C LEU B 13 -15.78 14.73 0.17
N SER B 14 -16.61 15.51 0.87
CA SER B 14 -16.55 15.60 2.33
C SER B 14 -17.50 14.58 2.95
N PRO B 15 -17.30 14.26 4.24
CA PRO B 15 -18.30 13.49 4.98
C PRO B 15 -19.67 14.13 4.88
N GLY B 16 -20.66 13.27 4.70
CA GLY B 16 -22.05 13.68 4.50
C GLY B 16 -22.43 13.86 3.03
N ASP B 17 -21.45 14.05 2.14
CA ASP B 17 -21.71 14.18 0.71
C ASP B 17 -22.17 12.85 0.13
N ARG B 18 -22.90 12.91 -0.99
CA ARG B 18 -23.23 11.74 -1.80
C ARG B 18 -22.19 11.59 -2.90
N ALA B 19 -21.58 10.41 -2.95
CA ALA B 19 -20.59 10.09 -3.96
C ALA B 19 -21.17 9.15 -5.00
N THR B 20 -20.94 9.46 -6.28
CA THR B 20 -21.42 8.64 -7.39
C THR B 20 -20.23 8.21 -8.25
N HIS B 21 -20.11 6.91 -8.47
CA HIS B 21 -19.04 6.30 -9.25
C HIS B 21 -19.68 5.57 -10.45
N SER B 22 -19.29 5.94 -11.68
CA SER B 22 -19.87 5.38 -12.90
C SER B 22 -18.96 4.33 -13.54
N CYS B 23 -19.62 3.35 -14.16
CA CYS B 23 -18.97 2.25 -14.86
C CYS B 23 -19.72 2.03 -16.16
N ARG B 24 -19.05 2.23 -17.29
CA ARG B 24 -19.65 2.05 -18.59
C ARG B 24 -19.02 0.87 -19.32
N ALA B 25 -19.87 0.02 -19.89
CA ALA B 25 -19.45 -1.19 -20.59
C ALA B 25 -19.53 -0.99 -22.10
N SER B 26 -18.55 -1.56 -22.82
CA SER B 26 -18.49 -1.44 -24.28
C SER B 26 -19.58 -2.25 -24.96
N GLN B 27 -20.14 -3.22 -24.25
CA GLN B 27 -21.34 -3.90 -24.70
C GLN B 27 -22.14 -4.31 -23.49
N SER B 28 -23.39 -4.68 -23.73
CA SER B 28 -24.33 -4.97 -22.67
C SER B 28 -23.83 -6.10 -21.76
N VAL B 29 -24.04 -5.96 -20.44
CA VAL B 29 -23.59 -6.97 -19.48
C VAL B 29 -24.76 -7.89 -19.08
N SER B 30 -24.76 -9.11 -19.61
CA SER B 30 -25.86 -10.04 -19.37
C SER B 30 -25.92 -10.41 -17.89
N ARG B 31 -27.17 -10.57 -17.45
CA ARG B 31 -27.50 -10.99 -16.10
C ARG B 31 -27.11 -9.91 -15.09
N SER B 32 -26.71 -8.71 -15.56
CA SER B 32 -26.25 -7.71 -14.62
C SER B 32 -25.21 -8.30 -13.66
N TYR B 33 -24.39 -9.26 -14.12
CA TYR B 33 -23.21 -9.76 -13.39
C TYR B 33 -22.10 -8.71 -13.42
N LEU B 34 -22.31 -7.69 -12.62
CA LEU B 34 -21.45 -6.53 -12.48
C LEU B 34 -21.21 -6.35 -11.00
N ALA B 35 -19.93 -6.36 -10.62
CA ALA B 35 -19.53 -6.25 -9.23
C ALA B 35 -18.77 -4.96 -8.99
N TRP B 36 -18.76 -4.55 -7.71
CA TRP B 36 -17.97 -3.44 -7.22
C TRP B 36 -17.14 -3.87 -6.01
N TYR B 37 -15.89 -3.37 -6.01
CA TYR B 37 -14.94 -3.63 -4.94
C TYR B 37 -14.39 -2.33 -4.40
N GLN B 38 -14.10 -2.34 -3.10
CA GLN B 38 -13.39 -1.27 -2.41
C GLN B 38 -11.97 -1.75 -2.14
N GLN B 39 -10.97 -0.98 -2.57
CA GLN B 39 -9.60 -1.30 -2.20
C GLN B 39 -8.90 -0.15 -1.51
N LYS B 40 -8.53 -0.39 -0.27
CA LYS B 40 -7.67 0.51 0.47
C LYS B 40 -6.22 0.27 0.09
N PRO B 41 -5.36 1.29 0.29
CA PRO B 41 -3.95 1.24 -0.09
C PRO B 41 -3.20 0.06 0.50
N GLY B 42 -2.71 -0.77 -0.41
CA GLY B 42 -1.86 -1.85 0.00
C GLY B 42 -2.63 -3.01 0.63
N GLN B 43 -3.98 -3.00 0.53
CA GLN B 43 -4.81 -4.02 1.18
C GLN B 43 -5.58 -4.82 0.14
N THR B 44 -6.12 -5.97 0.56
CA THR B 44 -6.92 -6.80 -0.31
C THR B 44 -8.21 -6.08 -0.63
N PRO B 45 -8.65 -6.14 -1.90
CA PRO B 45 -9.97 -5.67 -2.26
C PRO B 45 -11.06 -6.42 -1.49
N ARG B 46 -12.13 -5.69 -1.13
CA ARG B 46 -13.33 -6.28 -0.55
C ARG B 46 -14.50 -6.14 -1.53
N LEU B 47 -15.26 -7.20 -1.70
CA LEU B 47 -16.44 -7.18 -2.54
C LEU B 47 -17.52 -6.37 -1.80
N PHE B 48 -18.06 -5.33 -2.48
CA PHE B 48 -19.09 -4.47 -1.90
C PHE B 48 -20.47 -4.70 -2.52
N ILE B 49 -20.55 -4.88 -3.85
CA ILE B 49 -21.79 -5.05 -4.60
C ILE B 49 -21.58 -6.20 -5.55
N TYR B 50 -22.58 -7.08 -5.65
CA TYR B 50 -22.59 -8.10 -6.67
C TYR B 50 -23.96 -8.10 -7.36
N GLY B 51 -23.97 -8.64 -8.57
CA GLY B 51 -25.22 -8.66 -9.38
C GLY B 51 -25.80 -7.27 -9.58
N ALA B 52 -24.91 -6.29 -9.70
CA ALA B 52 -25.21 -4.88 -9.95
C ALA B 52 -25.79 -4.13 -8.76
N SER B 53 -26.67 -4.76 -7.95
CA SER B 53 -27.45 -4.01 -6.98
C SER B 53 -27.50 -4.68 -5.60
N ASN B 54 -26.78 -5.81 -5.40
CA ASN B 54 -26.85 -6.51 -4.13
C ASN B 54 -25.65 -6.14 -3.25
N ARG B 55 -25.92 -5.77 -2.00
CA ARG B 55 -24.84 -5.55 -1.04
C ARG B 55 -24.26 -6.91 -0.61
N ALA B 56 -22.92 -6.97 -0.50
CA ALA B 56 -22.25 -8.13 0.06
C ALA B 56 -22.45 -8.16 1.58
N THR B 57 -22.11 -9.28 2.19
CA THR B 57 -22.10 -9.37 3.64
C THR B 57 -21.26 -8.29 4.27
N GLY B 58 -21.78 -7.73 5.36
CA GLY B 58 -21.03 -6.77 6.17
C GLY B 58 -21.03 -5.37 5.57
N ILE B 59 -21.71 -5.16 4.44
CA ILE B 59 -21.61 -3.86 3.80
C ILE B 59 -22.74 -2.97 4.28
N PRO B 60 -22.43 -1.75 4.77
CA PRO B 60 -23.44 -0.87 5.33
C PRO B 60 -24.38 -0.31 4.29
N ASP B 61 -25.52 0.18 4.79
CA ASP B 61 -26.61 0.60 3.93
C ASP B 61 -26.25 1.80 3.07
N ARG B 62 -25.27 2.59 3.50
CA ARG B 62 -24.92 3.77 2.71
C ARG B 62 -24.30 3.42 1.35
N PHE B 63 -23.86 2.17 1.16
CA PHE B 63 -23.35 1.72 -0.13
C PHE B 63 -24.48 1.05 -0.92
N SER B 64 -24.67 1.48 -2.17
CA SER B 64 -25.68 0.82 -2.99
C SER B 64 -25.20 0.79 -4.43
N GLY B 65 -25.74 -0.13 -5.20
CA GLY B 65 -25.42 -0.16 -6.61
C GLY B 65 -26.69 -0.21 -7.47
N SER B 66 -26.57 0.29 -8.70
CA SER B 66 -27.68 0.19 -9.63
C SER B 66 -27.19 0.16 -11.06
N GLY B 67 -28.14 -0.17 -11.95
CA GLY B 67 -27.91 -0.04 -13.39
C GLY B 67 -28.15 -1.37 -14.11
N SER B 68 -28.08 -1.30 -15.43
CA SER B 68 -28.21 -2.47 -16.26
C SER B 68 -27.68 -2.09 -17.63
N GLY B 69 -27.50 -3.08 -18.49
CA GLY B 69 -27.06 -2.84 -19.86
C GLY B 69 -25.58 -2.42 -19.93
N THR B 70 -25.35 -1.12 -20.21
CA THR B 70 -24.00 -0.60 -20.38
C THR B 70 -23.67 0.51 -19.36
N TYR B 71 -24.59 0.81 -18.42
CA TYR B 71 -24.35 1.89 -17.47
C TYR B 71 -24.69 1.45 -16.05
N PHE B 72 -23.68 1.51 -15.19
CA PHE B 72 -23.80 1.10 -13.80
C PHE B 72 -23.20 2.17 -12.88
N THR B 73 -23.74 2.23 -11.64
CA THR B 73 -23.19 3.14 -10.65
C THR B 73 -23.07 2.46 -9.29
N LEU B 74 -22.06 2.93 -8.53
CA LEU B 74 -21.93 2.66 -7.11
C LEU B 74 -22.12 4.00 -6.41
N THR B 75 -23.03 4.02 -5.43
CA THR B 75 -23.33 5.23 -4.69
C THR B 75 -22.91 5.03 -3.23
N ILE B 76 -22.30 6.07 -2.64
CA ILE B 76 -22.16 6.18 -1.20
C ILE B 76 -23.07 7.34 -0.80
N SER B 77 -24.20 7.05 -0.13
CA SER B 77 -25.28 8.02 -0.02
C SER B 77 -24.86 9.17 0.92
N ARG B 78 -24.05 8.83 1.95
CA ARG B 78 -23.62 9.75 2.99
C ARG B 78 -22.19 9.37 3.38
N LEU B 79 -21.18 10.12 2.88
CA LEU B 79 -19.82 9.67 3.08
C LEU B 79 -19.39 9.71 4.53
N GLU B 80 -18.58 8.70 4.89
CA GLU B 80 -17.92 8.65 6.18
C GLU B 80 -16.41 8.75 5.94
N PRO B 81 -15.64 9.26 6.92
CA PRO B 81 -14.21 9.39 6.72
C PRO B 81 -13.49 8.09 6.40
N GLU B 82 -14.00 6.94 6.87
CA GLU B 82 -13.37 5.67 6.55
C GLU B 82 -13.65 5.17 5.12
N ASP B 83 -14.31 5.97 4.26
CA ASP B 83 -14.74 5.49 2.95
C ASP B 83 -13.77 5.81 1.81
N PHE B 84 -12.63 6.47 2.11
CA PHE B 84 -11.61 6.65 1.09
C PHE B 84 -11.13 5.30 0.60
N ALA B 85 -10.91 5.20 -0.73
CA ALA B 85 -10.47 3.95 -1.33
C ALA B 85 -10.33 4.20 -2.82
N VAL B 86 -9.84 3.20 -3.52
CA VAL B 86 -10.12 3.06 -4.95
C VAL B 86 -11.27 2.05 -5.12
N TYR B 87 -12.28 2.44 -5.89
CA TYR B 87 -13.42 1.59 -6.17
C TYR B 87 -13.28 1.10 -7.61
N TYR B 88 -13.42 -0.21 -7.78
CA TYR B 88 -13.33 -0.89 -9.07
C TYR B 88 -14.64 -1.60 -9.39
N CYS B 89 -15.07 -1.49 -10.66
CA CYS B 89 -16.15 -2.35 -11.14
C CYS B 89 -15.51 -3.51 -11.89
N GLN B 90 -16.27 -4.62 -12.01
CA GLN B 90 -15.83 -5.81 -12.71
C GLN B 90 -17.03 -6.47 -13.34
N GLN B 91 -16.91 -6.94 -14.58
CA GLN B 91 -17.97 -7.77 -15.11
C GLN B 91 -17.53 -9.24 -15.07
N TYR B 92 -18.51 -10.13 -14.79
CA TYR B 92 -18.18 -11.54 -14.61
C TYR B 92 -19.24 -12.39 -15.32
N ASP B 93 -19.87 -11.81 -16.33
CA ASP B 93 -20.85 -12.55 -17.10
C ASP B 93 -20.14 -13.52 -18.05
N SER B 94 -19.17 -13.03 -18.82
CA SER B 94 -18.39 -13.90 -19.70
C SER B 94 -16.91 -13.52 -19.70
N ALA B 95 -16.06 -14.55 -19.49
CA ALA B 95 -14.61 -14.41 -19.38
C ALA B 95 -14.07 -13.75 -20.64
N PRO B 96 -13.02 -12.90 -20.61
CA PRO B 96 -12.31 -12.51 -19.37
C PRO B 96 -13.19 -11.61 -18.51
N ASP B 97 -13.17 -11.87 -17.17
CA ASP B 97 -13.94 -11.12 -16.20
C ASP B 97 -13.22 -9.79 -15.86
N THR B 98 -13.30 -8.83 -16.79
CA THR B 98 -12.46 -7.64 -16.77
C THR B 98 -12.90 -6.61 -15.71
N PHE B 99 -11.90 -5.86 -15.24
CA PHE B 99 -12.06 -4.75 -14.31
C PHE B 99 -12.01 -3.44 -15.07
N GLY B 100 -12.75 -2.44 -14.54
CA GLY B 100 -12.50 -1.05 -14.89
C GLY B 100 -11.18 -0.59 -14.27
N GLN B 101 -10.79 0.65 -14.56
CA GLN B 101 -9.47 1.13 -14.18
C GLN B 101 -9.48 1.78 -12.79
N GLY B 102 -10.66 1.91 -12.17
CA GLY B 102 -10.79 2.38 -10.80
C GLY B 102 -11.13 3.86 -10.72
N THR B 103 -11.88 4.24 -9.67
CA THR B 103 -12.05 5.63 -9.25
C THR B 103 -11.44 5.82 -7.86
N ARG B 104 -10.50 6.77 -7.71
CA ARG B 104 -9.88 7.04 -6.43
C ARG B 104 -10.72 8.10 -5.71
N LEU B 105 -11.35 7.69 -4.60
CA LEU B 105 -12.12 8.59 -3.78
C LEU B 105 -11.30 9.00 -2.57
N GLU B 106 -11.13 10.31 -2.46
CA GLU B 106 -10.49 10.94 -1.33
C GLU B 106 -11.56 11.60 -0.47
N ILE B 107 -11.38 11.60 0.85
CA ILE B 107 -12.27 12.33 1.74
C ILE B 107 -11.73 13.73 2.02
N LYS B 108 -12.50 14.76 1.68
CA LYS B 108 -12.12 16.15 1.80
C LYS B 108 -12.34 16.58 3.25
N ARG B 109 -11.43 17.42 3.74
CA ARG B 109 -11.58 18.00 5.06
C ARG B 109 -11.04 19.43 5.03
N THR B 110 -11.23 20.16 6.13
CA THR B 110 -10.72 21.52 6.20
C THR B 110 -9.19 21.49 6.26
N VAL B 111 -8.58 22.62 5.88
CA VAL B 111 -7.15 22.76 5.74
C VAL B 111 -6.48 22.50 7.08
N ALA B 112 -5.38 21.73 7.02
CA ALA B 112 -4.59 21.35 8.18
C ALA B 112 -3.12 21.43 7.80
N ALA B 113 -2.39 22.29 8.52
CA ALA B 113 -0.99 22.47 8.26
C ALA B 113 -0.19 21.30 8.84
N PRO B 114 0.93 20.95 8.20
CA PRO B 114 1.81 19.92 8.77
C PRO B 114 2.63 20.44 9.94
N SER B 115 2.91 19.53 10.89
CA SER B 115 3.98 19.68 11.84
C SER B 115 5.24 19.13 11.18
N VAL B 116 6.38 19.80 11.32
CA VAL B 116 7.55 19.44 10.56
C VAL B 116 8.65 19.03 11.55
N PHE B 117 9.25 17.86 11.32
CA PHE B 117 10.33 17.35 12.16
C PHE B 117 11.49 16.95 11.27
N ILE B 118 12.71 17.07 11.81
CA ILE B 118 13.89 16.70 11.06
C ILE B 118 14.79 15.80 11.91
N PHE B 119 15.39 14.82 11.23
CA PHE B 119 16.17 13.77 11.85
C PHE B 119 17.50 13.66 11.15
N PRO B 120 18.62 13.96 11.83
CA PRO B 120 19.93 13.81 11.20
C PRO B 120 20.24 12.32 10.99
N PRO B 121 21.28 11.99 10.20
CA PRO B 121 21.76 10.61 10.13
C PRO B 121 22.27 10.08 11.47
N SER B 122 22.00 8.80 11.76
CA SER B 122 22.46 8.12 12.96
C SER B 122 23.96 7.87 12.85
N ASP B 123 24.63 7.78 14.00
CA ASP B 123 26.03 7.44 14.01
C ASP B 123 26.20 6.04 13.42
N GLU B 124 25.29 5.12 13.74
CA GLU B 124 25.32 3.79 13.16
C GLU B 124 25.47 3.89 11.63
N GLN B 125 24.59 4.65 10.98
CA GLN B 125 24.59 4.69 9.52
C GLN B 125 25.87 5.32 9.00
N LEU B 126 26.27 6.41 9.65
CA LEU B 126 27.49 7.11 9.28
C LEU B 126 28.69 6.17 9.21
N LYS B 127 28.76 5.17 10.11
CA LYS B 127 29.88 4.23 10.07
C LYS B 127 30.02 3.60 8.69
N SER B 128 28.95 3.57 7.89
CA SER B 128 28.93 2.70 6.73
C SER B 128 29.00 3.46 5.39
N GLY B 129 29.19 4.77 5.42
CA GLY B 129 29.53 5.46 4.18
C GLY B 129 28.39 6.28 3.60
N THR B 130 27.18 6.16 4.15
CA THR B 130 26.05 6.94 3.67
C THR B 130 25.36 7.70 4.80
N ALA B 131 24.78 8.85 4.43
CA ALA B 131 23.99 9.69 5.31
C ALA B 131 22.58 9.88 4.75
N SER B 132 21.58 9.42 5.50
CA SER B 132 20.18 9.70 5.19
C SER B 132 19.66 10.75 6.17
N VAL B 133 19.07 11.83 5.66
CA VAL B 133 18.53 12.89 6.49
C VAL B 133 17.02 12.87 6.24
N VAL B 134 16.21 12.79 7.30
CA VAL B 134 14.78 12.58 7.09
C VAL B 134 14.00 13.80 7.60
N CYS B 135 13.05 14.24 6.76
CA CYS B 135 12.11 15.29 7.13
C CYS B 135 10.69 14.72 7.12
N LEU B 136 9.98 14.89 8.25
CA LEU B 136 8.63 14.39 8.43
C LEU B 136 7.65 15.57 8.44
N LEU B 137 6.63 15.49 7.57
CA LEU B 137 5.50 16.39 7.57
C LEU B 137 4.32 15.61 8.14
N ASN B 138 3.86 15.95 9.35
CA ASN B 138 2.87 15.12 10.03
C ASN B 138 1.49 15.77 10.02
N ASN B 139 0.50 14.99 9.59
CA ASN B 139 -0.92 15.19 9.82
C ASN B 139 -1.41 16.48 9.18
N PHE B 140 -1.48 16.46 7.83
CA PHE B 140 -1.78 17.67 7.07
C PHE B 140 -2.80 17.35 5.97
N TYR B 141 -3.44 18.40 5.47
CA TYR B 141 -4.41 18.30 4.39
C TYR B 141 -4.55 19.65 3.72
N PRO B 142 -4.57 19.81 2.37
CA PRO B 142 -4.53 18.74 1.38
C PRO B 142 -3.19 18.04 1.18
N ARG B 143 -3.19 17.01 0.30
CA ARG B 143 -2.03 16.17 0.10
C ARG B 143 -0.87 16.93 -0.54
N GLU B 144 -1.16 17.93 -1.36
CA GLU B 144 -0.11 18.65 -2.07
C GLU B 144 0.76 19.43 -1.07
N ALA B 145 2.05 19.21 -1.14
CA ALA B 145 3.03 19.88 -0.28
C ALA B 145 4.33 19.95 -1.08
N LYS B 146 5.07 21.01 -0.88
CA LYS B 146 6.40 21.07 -1.46
C LYS B 146 7.44 21.01 -0.34
N VAL B 147 8.41 20.12 -0.52
CA VAL B 147 9.55 20.00 0.38
C VAL B 147 10.81 20.31 -0.41
N GLN B 148 11.57 21.28 0.06
CA GLN B 148 12.82 21.68 -0.54
C GLN B 148 13.95 21.49 0.46
N TRP B 149 14.97 20.77 0.04
CA TRP B 149 16.15 20.58 0.84
C TRP B 149 17.20 21.62 0.47
N LYS B 150 17.88 22.11 1.51
CA LYS B 150 18.96 23.06 1.36
C LYS B 150 20.10 22.64 2.28
N VAL B 151 21.31 22.54 1.71
CA VAL B 151 22.50 22.23 2.45
C VAL B 151 23.43 23.43 2.32
N ASP B 152 23.90 23.96 3.47
CA ASP B 152 24.57 25.25 3.52
C ASP B 152 23.96 26.23 2.51
N ASN B 153 22.62 26.25 2.43
CA ASN B 153 21.83 27.25 1.73
C ASN B 153 21.61 26.93 0.25
N ALA B 154 22.23 25.89 -0.32
CA ALA B 154 21.99 25.57 -1.73
C ALA B 154 20.88 24.53 -1.82
N LEU B 155 19.91 24.76 -2.72
CA LEU B 155 18.79 23.85 -2.77
C LEU B 155 19.13 22.67 -3.66
N GLN B 156 18.66 21.51 -3.22
CA GLN B 156 19.05 20.24 -3.78
C GLN B 156 18.07 19.87 -4.86
N SER B 157 18.54 19.03 -5.79
CA SER B 157 17.71 18.45 -6.83
C SER B 157 18.23 17.05 -7.08
N GLY B 158 17.32 16.08 -7.20
CA GLY B 158 17.65 14.76 -7.67
C GLY B 158 18.22 13.82 -6.61
N ASN B 159 18.36 14.27 -5.34
CA ASN B 159 18.94 13.41 -4.32
C ASN B 159 17.97 13.19 -3.15
N SER B 160 16.66 13.35 -3.40
CA SER B 160 15.68 13.13 -2.34
C SER B 160 14.51 12.35 -2.89
N GLN B 161 13.85 11.60 -2.01
CA GLN B 161 12.67 10.84 -2.38
C GLN B 161 11.63 11.05 -1.29
N GLU B 162 10.36 11.03 -1.68
CA GLU B 162 9.25 11.28 -0.78
C GLU B 162 8.28 10.11 -0.84
N SER B 163 7.59 9.86 0.27
CA SER B 163 6.53 8.89 0.35
C SER B 163 5.41 9.47 1.24
N VAL B 164 4.16 9.12 0.93
CA VAL B 164 2.99 9.64 1.63
C VAL B 164 2.16 8.49 2.14
N THR B 165 1.67 8.60 3.38
CA THR B 165 0.78 7.62 3.97
C THR B 165 -0.60 7.71 3.31
N GLU B 166 -1.40 6.69 3.54
CA GLU B 166 -2.81 6.73 3.17
C GLU B 166 -3.50 7.73 4.11
N GLN B 167 -4.67 8.21 3.72
CA GLN B 167 -5.40 9.08 4.63
C GLN B 167 -5.72 8.39 5.96
N ASP B 168 -5.69 9.19 7.02
CA ASP B 168 -6.15 8.75 8.33
C ASP B 168 -7.66 8.48 8.28
N SER B 169 -8.11 7.33 8.82
CA SER B 169 -9.49 6.91 8.71
C SER B 169 -10.44 7.69 9.61
N LYS B 170 -9.93 8.41 10.61
CA LYS B 170 -10.77 9.23 11.47
C LYS B 170 -10.67 10.71 11.11
N ASP B 171 -9.48 11.24 10.84
CA ASP B 171 -9.34 12.69 10.70
C ASP B 171 -8.90 13.10 9.29
N SER B 172 -8.71 12.15 8.38
CA SER B 172 -8.58 12.43 6.96
C SER B 172 -7.26 13.13 6.58
N THR B 173 -6.30 13.20 7.50
CA THR B 173 -5.00 13.82 7.18
C THR B 173 -4.04 12.82 6.55
N TYR B 174 -2.99 13.36 5.93
CA TYR B 174 -1.84 12.66 5.40
C TYR B 174 -0.61 12.96 6.24
N SER B 175 0.40 12.10 6.15
CA SER B 175 1.76 12.44 6.53
C SER B 175 2.72 12.14 5.38
N LEU B 176 3.88 12.81 5.34
CA LEU B 176 4.85 12.64 4.28
C LEU B 176 6.26 12.57 4.85
N SER B 177 7.08 11.66 4.30
CA SER B 177 8.51 11.57 4.62
C SER B 177 9.25 12.01 3.38
N SER B 178 10.30 12.78 3.57
CA SER B 178 11.24 13.11 2.53
C SER B 178 12.63 12.77 3.05
N THR B 179 13.35 11.96 2.28
CA THR B 179 14.65 11.50 2.67
C THR B 179 15.68 12.05 1.68
N LEU B 180 16.66 12.78 2.21
CA LEU B 180 17.80 13.25 1.43
C LEU B 180 18.94 12.27 1.64
N THR B 181 19.54 11.80 0.54
CA THR B 181 20.63 10.84 0.61
C THR B 181 21.94 11.49 0.13
N LEU B 182 22.96 11.49 0.99
CA LEU B 182 24.28 11.96 0.60
C LEU B 182 25.31 10.89 0.93
N SER B 183 26.42 10.88 0.18
CA SER B 183 27.58 10.11 0.62
C SER B 183 28.01 10.70 1.96
N LYS B 184 28.61 9.86 2.82
CA LYS B 184 29.08 10.34 4.11
C LYS B 184 30.14 11.43 3.88
N ALA B 185 30.90 11.31 2.78
CA ALA B 185 31.86 12.34 2.41
C ALA B 185 31.13 13.66 2.24
N ASP B 186 30.22 13.69 1.25
CA ASP B 186 29.54 14.90 0.81
C ASP B 186 28.78 15.53 1.97
N TYR B 187 28.28 14.69 2.89
CA TYR B 187 27.65 15.16 4.12
C TYR B 187 28.63 16.07 4.86
N GLU B 188 29.88 15.63 4.97
CA GLU B 188 30.90 16.36 5.73
C GLU B 188 31.33 17.65 5.06
N LYS B 189 31.11 17.78 3.74
CA LYS B 189 31.44 19.01 3.02
C LYS B 189 30.57 20.18 3.51
N HIS B 190 29.43 19.92 4.16
CA HIS B 190 28.50 21.00 4.50
C HIS B 190 28.04 20.99 5.96
N LYS B 191 27.37 22.06 6.39
CA LYS B 191 27.05 22.30 7.80
C LYS B 191 25.55 22.38 8.09
N VAL B 192 24.83 23.21 7.34
CA VAL B 192 23.43 23.52 7.66
C VAL B 192 22.56 22.63 6.78
N TYR B 193 21.77 21.78 7.44
CA TYR B 193 20.80 20.89 6.79
C TYR B 193 19.40 21.41 7.08
N ALA B 194 18.69 21.81 6.03
CA ALA B 194 17.37 22.40 6.19
C ALA B 194 16.34 21.73 5.29
N CYS B 195 15.13 21.57 5.83
CA CYS B 195 13.93 21.17 5.12
CA CYS B 195 14.00 21.25 4.97
C CYS B 195 12.92 22.32 5.13
N GLU B 196 12.54 22.82 3.95
CA GLU B 196 11.65 23.95 3.81
C GLU B 196 10.34 23.45 3.24
N VAL B 197 9.26 23.76 3.94
CA VAL B 197 7.97 23.20 3.65
C VAL B 197 7.01 24.32 3.27
N THR B 198 6.37 24.14 2.10
CA THR B 198 5.35 25.00 1.56
C THR B 198 4.05 24.20 1.48
N HIS B 199 2.99 24.75 2.05
CA HIS B 199 1.71 24.07 2.17
C HIS B 199 0.63 25.11 2.41
N GLN B 200 -0.52 24.84 1.81
CA GLN B 200 -1.65 25.74 1.85
C GLN B 200 -2.07 26.12 3.27
N GLY B 201 -1.84 25.22 4.23
CA GLY B 201 -2.22 25.44 5.60
C GLY B 201 -1.27 26.37 6.37
N LEU B 202 -0.08 26.55 5.81
CA LEU B 202 0.90 27.42 6.44
C LEU B 202 0.75 28.81 5.83
N SER B 203 0.68 29.82 6.68
CA SER B 203 0.57 31.20 6.22
C SER B 203 1.81 31.65 5.46
N SER B 204 2.95 31.12 5.87
CA SER B 204 4.24 31.30 5.21
C SER B 204 4.99 29.98 5.33
N PRO B 205 5.91 29.65 4.41
CA PRO B 205 6.69 28.41 4.49
C PRO B 205 7.49 28.28 5.78
N VAL B 206 7.67 27.03 6.21
CA VAL B 206 8.33 26.73 7.48
C VAL B 206 9.63 26.02 7.13
N THR B 207 10.71 26.41 7.79
CA THR B 207 11.95 25.69 7.66
C THR B 207 12.33 25.03 8.96
N LYS B 208 12.74 23.76 8.88
CA LYS B 208 13.30 23.05 10.01
C LYS B 208 14.74 22.68 9.64
N SER B 209 15.67 22.90 10.57
CA SER B 209 17.07 22.73 10.21
C SER B 209 17.89 22.30 11.42
N PHE B 210 19.10 21.80 11.11
CA PHE B 210 20.12 21.49 12.10
C PHE B 210 21.50 21.74 11.49
N ASN B 211 22.51 21.89 12.35
CA ASN B 211 23.89 21.99 11.89
C ASN B 211 24.57 20.65 12.11
N ARG B 212 25.29 20.16 11.08
CA ARG B 212 25.86 18.83 11.12
C ARG B 212 26.66 18.66 12.40
N GLY B 213 26.23 17.75 13.28
CA GLY B 213 26.88 17.56 14.57
C GLY B 213 26.37 18.54 15.61
N GLU B 214 25.26 18.19 16.27
CA GLU B 214 24.72 18.93 17.40
C GLU B 214 23.89 17.93 18.21
N CYS B 215 23.40 18.33 19.39
CA CYS B 215 22.62 17.44 20.24
C CYS B 215 21.70 16.54 19.40
S SO4 C . 3.87 -30.27 -1.53
O1 SO4 C . 3.12 -30.38 -0.31
O2 SO4 C . 4.60 -31.48 -1.72
O3 SO4 C . 2.94 -30.11 -2.60
O4 SO4 C . 4.79 -29.14 -1.43
S SO4 D . 11.01 -8.86 -19.64
O1 SO4 D . 10.83 -8.53 -18.28
O2 SO4 D . 11.17 -10.30 -19.77
O3 SO4 D . 9.90 -8.40 -20.38
O4 SO4 D . 12.21 -8.26 -20.14
S SO4 E . 21.51 -10.60 3.74
O1 SO4 E . 20.19 -10.93 3.27
O2 SO4 E . 21.97 -11.71 4.56
O3 SO4 E . 21.48 -9.40 4.56
O4 SO4 E . 22.41 -10.39 2.63
S SO4 F . 4.28 -23.16 -0.43
O1 SO4 F . 4.03 -24.17 0.57
O2 SO4 F . 5.08 -23.70 -1.49
O3 SO4 F . 3.02 -22.73 -0.98
O4 SO4 F . 4.98 -22.01 0.17
S SO4 G . 14.39 -19.04 -8.92
O1 SO4 G . 15.63 -19.75 -8.97
O2 SO4 G . 13.28 -19.98 -8.82
O3 SO4 G . 14.24 -18.25 -10.10
O4 SO4 G . 14.38 -18.16 -7.78
CL CL H . -8.95 -6.99 -16.03
S SO4 I . -25.04 3.52 7.40
O1 SO4 I . -25.52 2.38 8.18
O2 SO4 I . -24.30 3.04 6.27
O3 SO4 I . -26.16 4.33 7.02
O4 SO4 I . -24.13 4.31 8.15
S SO4 J . -20.60 10.36 -15.33
O1 SO4 J . -20.92 9.98 -13.99
O2 SO4 J . -19.56 9.48 -15.89
O3 SO4 J . -21.79 10.24 -16.11
O4 SO4 J . -20.12 11.74 -15.32
S SO4 K . -31.64 1.46 -12.05
O1 SO4 K . -32.18 1.20 -10.73
O2 SO4 K . -31.09 0.22 -12.57
O3 SO4 K . -32.68 1.94 -12.94
O4 SO4 K . -30.63 2.49 -12.00
C1 GCS L . -18.69 -18.62 -16.60
C2 GCS L . -18.09 -17.30 -17.10
C3 GCS L . -17.10 -16.81 -16.05
C4 GCS L . -17.97 -16.37 -14.89
C5 GCS L . -18.59 -17.64 -14.33
C6 GCS L . -19.67 -17.27 -13.41
N2 GCS L . -17.47 -17.34 -18.43
O1 GCS L . -19.64 -19.17 -17.48
O3 GCS L . -16.20 -15.83 -16.55
O4 GCS L . -17.39 -15.62 -13.81
O5 GCS L . -19.26 -18.47 -15.31
O6 GCS L . -20.46 -16.38 -14.19
#